data_9KXX
#
_entry.id   9KXX
#
_cell.length_a   1.00
_cell.length_b   1.00
_cell.length_c   1.00
_cell.angle_alpha   90.00
_cell.angle_beta   90.00
_cell.angle_gamma   90.00
#
_symmetry.space_group_name_H-M   'P 1'
#
loop_
_entity.id
_entity.type
_entity.pdbx_description
1 polymer 'Sodium-dependent neutral amino acid transporter B(0)AT1'
2 branched 2-acetamido-2-deoxy-beta-D-glucopyranose-(1-4)-2-acetamido-2-deoxy-beta-D-glucopyranose
#
_entity_poly.entity_id   1
_entity_poly.type   'polypeptide(L)'
_entity_poly.pdbx_seq_one_letter_code
;MNPGLDARIPSLAELETIEQEEASSRPKWDNKAQYMLTCLGFCVGLGNVWRFPYLCQSHGGGAFMIPFLILLVLLGIPLL
YLEFAIGQRLRRGSLGVWSSIHPALKGIGLASMLTSFMVGLYYNTIISWIMWYLFNSFQEPLPWSDCPLNENQTGYVDEC
ARSSPVDYFWYRETLNISTSISDSGSIQWWMLLCLACAWSVLYMCTIRGIETTGKAVYITSTLPYVVLTIFLIRGLTLKG
ATNGIVFLFTPNVTELAQPDTWLDAGAQVFFSFSLAFGGLISFASYNSVHNNCEKDSVIVSIINGFTSVYVAIVVYSVIG
FRATQRYDDCFSTNILTLINGFDLPEGNVTQENFVDMQQRCNASDPAAYAQLVFQTCDINAFLSEAVEGTGLAFIVFTEA
ITKMPLSPLWSVLFFIMLFCLGLSSMFGNMEGVVVPLQDLRVIPPKWPKEVLTGLICLGTFLIGLIFTLNSGQYWLSLLD
SYAGSIPLLIIAFAEMFSVVWVYGVDRFNKDIEFMIGHKPNIFWQVTWRVVSPLLLLIIFLFFFVVEVSQELTYSIWDPG
YEEFPKSQKISYPNWVYVVVVIVAGVPSLTIPGYAIYKLIRNHAQKPGDHQGLV
;
_entity_poly.pdbx_strand_id   A
#
loop_
_chem_comp.id
_chem_comp.type
_chem_comp.name
_chem_comp.formula
NAG D-saccharide, beta linking 2-acetamido-2-deoxy-beta-D-glucopyranose 'C8 H15 N O6'
#
# COMPACT_ATOMS: atom_id res chain seq x y z
N ILE A 9 -5.54 -31.82 7.26
CA ILE A 9 -4.21 -31.52 6.58
C ILE A 9 -3.65 -32.82 6.02
N PRO A 10 -2.99 -32.84 4.82
CA PRO A 10 -2.39 -34.06 4.31
C PRO A 10 -1.13 -34.46 5.10
N SER A 11 -0.93 -35.75 5.34
CA SER A 11 0.34 -36.27 5.89
C SER A 11 1.47 -35.97 4.90
N LEU A 12 2.67 -35.66 5.38
CA LEU A 12 3.85 -35.39 4.50
C LEU A 12 3.93 -36.42 3.36
N ALA A 13 3.66 -37.70 3.65
CA ALA A 13 3.57 -38.80 2.65
C ALA A 13 2.56 -38.44 1.55
N GLU A 14 1.29 -38.23 1.92
CA GLU A 14 0.20 -37.82 0.99
C GLU A 14 0.70 -36.75 0.00
N LEU A 15 1.57 -35.84 0.46
CA LEU A 15 2.16 -34.75 -0.37
C LEU A 15 3.06 -35.37 -1.44
N GLU A 16 4.17 -36.00 -1.05
CA GLU A 16 5.19 -36.57 -2.00
C GLU A 16 4.48 -37.39 -3.08
N THR A 17 3.45 -38.17 -2.73
CA THR A 17 2.63 -38.98 -3.69
C THR A 17 1.65 -38.13 -4.51
N ILE A 18 0.94 -37.17 -3.92
CA ILE A 18 -0.02 -36.30 -4.70
C ILE A 18 0.78 -35.37 -5.62
N GLU A 19 2.09 -35.17 -5.35
CA GLU A 19 3.06 -34.44 -6.21
C GLU A 19 3.10 -34.98 -7.65
N GLN A 20 3.14 -36.30 -7.86
CA GLN A 20 3.34 -36.91 -9.20
C GLN A 20 2.02 -36.85 -9.99
N ALA A 33 14.89 -17.23 -15.07
CA ALA A 33 14.25 -16.00 -15.61
C ALA A 33 12.82 -15.86 -15.05
N GLN A 34 11.97 -16.87 -15.27
CA GLN A 34 10.56 -16.91 -14.78
C GLN A 34 10.60 -16.70 -13.26
N TYR A 35 11.28 -17.60 -12.53
CA TYR A 35 11.54 -17.50 -11.07
C TYR A 35 11.70 -16.03 -10.66
N MET A 36 12.48 -15.25 -11.42
CA MET A 36 12.76 -13.82 -11.09
C MET A 36 11.58 -12.88 -11.46
N LEU A 37 10.82 -13.11 -12.52
CA LEU A 37 9.77 -12.12 -12.91
C LEU A 37 8.49 -12.34 -12.12
N THR A 38 8.19 -13.60 -11.78
CA THR A 38 7.18 -13.91 -10.74
C THR A 38 7.63 -13.26 -9.45
N CYS A 39 8.91 -13.40 -9.11
CA CYS A 39 9.46 -12.76 -7.88
C CYS A 39 9.27 -11.24 -7.99
N LEU A 40 9.54 -10.67 -9.17
CA LEU A 40 9.43 -9.19 -9.33
C LEU A 40 8.01 -8.72 -9.03
N GLY A 41 6.98 -9.38 -9.58
CA GLY A 41 5.56 -9.07 -9.31
C GLY A 41 5.26 -8.82 -7.83
N PHE A 42 6.02 -9.45 -6.93
CA PHE A 42 5.86 -9.35 -5.45
C PHE A 42 6.63 -8.14 -4.87
N CYS A 43 7.58 -7.53 -5.59
CA CYS A 43 8.49 -6.45 -5.10
C CYS A 43 7.99 -5.05 -5.49
N VAL A 44 7.05 -4.99 -6.43
CA VAL A 44 6.55 -3.68 -6.92
C VAL A 44 5.05 -3.56 -6.67
N GLY A 45 4.54 -2.34 -6.60
CA GLY A 45 3.09 -2.06 -6.39
C GLY A 45 2.86 -0.62 -5.97
N LEU A 46 1.60 -0.15 -5.96
CA LEU A 46 1.26 1.23 -5.49
C LEU A 46 1.68 1.44 -4.02
N GLY A 47 1.73 0.37 -3.20
CA GLY A 47 2.25 0.39 -1.83
C GLY A 47 3.71 0.83 -1.72
N ASN A 48 4.54 0.49 -2.70
CA ASN A 48 6.00 0.81 -2.70
C ASN A 48 6.27 2.15 -3.40
N VAL A 49 5.42 2.57 -4.34
CA VAL A 49 5.66 3.78 -5.18
C VAL A 49 4.77 4.95 -4.71
N TRP A 50 3.56 4.69 -4.22
CA TRP A 50 2.60 5.76 -3.84
C TRP A 50 2.60 5.96 -2.31
N ARG A 51 2.49 4.88 -1.53
CA ARG A 51 2.30 4.98 -0.06
C ARG A 51 3.63 5.29 0.63
N PHE A 52 4.66 4.48 0.35
CA PHE A 52 5.99 4.54 1.03
C PHE A 52 6.48 5.99 1.07
N PRO A 53 6.69 6.69 -0.09
CA PRO A 53 7.28 8.04 -0.06
C PRO A 53 6.47 9.02 0.82
N TYR A 54 5.14 8.90 0.78
CA TYR A 54 4.23 9.84 1.52
C TYR A 54 4.41 9.58 3.03
N LEU A 55 4.49 8.31 3.47
CA LEU A 55 4.61 8.00 4.91
C LEU A 55 5.97 8.51 5.44
N CYS A 56 7.01 8.45 4.61
CA CYS A 56 8.38 8.91 4.98
C CYS A 56 8.30 10.40 5.33
N GLN A 57 7.87 11.23 4.38
CA GLN A 57 7.76 12.71 4.54
C GLN A 57 6.90 13.04 5.77
N SER A 58 5.85 12.24 6.05
CA SER A 58 5.01 12.37 7.27
C SER A 58 5.83 12.24 8.58
N HIS A 59 7.04 11.67 8.53
CA HIS A 59 7.86 11.46 9.76
C HIS A 59 9.25 12.10 9.60
N GLY A 60 9.49 12.84 8.51
CA GLY A 60 10.77 13.54 8.26
C GLY A 60 11.89 12.60 7.83
N GLY A 61 11.68 11.84 6.75
CA GLY A 61 12.66 10.92 6.14
C GLY A 61 13.24 9.92 7.14
N GLY A 62 14.52 10.09 7.51
CA GLY A 62 15.30 9.21 8.41
C GLY A 62 14.47 8.54 9.49
N ALA A 63 13.77 9.35 10.29
CA ALA A 63 12.95 8.90 11.43
C ALA A 63 11.93 7.83 11.00
N PHE A 64 11.50 7.81 9.75
CA PHE A 64 10.67 6.73 9.16
C PHE A 64 11.53 5.64 8.54
N MET A 65 12.45 6.00 7.64
CA MET A 65 13.29 5.05 6.88
C MET A 65 13.92 4.06 7.88
N ILE A 66 14.63 4.55 8.89
CA ILE A 66 15.41 3.70 9.85
C ILE A 66 14.45 2.65 10.44
N PRO A 67 13.40 3.03 11.21
CA PRO A 67 12.48 2.02 11.78
C PRO A 67 11.89 1.04 10.75
N PHE A 68 11.60 1.54 9.56
CA PHE A 68 11.00 0.72 8.48
C PHE A 68 11.98 -0.38 8.09
N LEU A 69 13.25 -0.04 7.84
CA LEU A 69 14.30 -1.05 7.54
C LEU A 69 14.42 -2.03 8.70
N ILE A 70 14.38 -1.54 9.94
CA ILE A 70 14.57 -2.41 11.16
C ILE A 70 13.45 -3.47 11.14
N LEU A 71 12.21 -3.01 11.04
CA LEU A 71 11.02 -3.90 11.08
C LEU A 71 10.88 -4.73 9.81
N LEU A 72 11.47 -4.34 8.69
CA LEU A 72 11.46 -5.19 7.46
C LEU A 72 12.32 -6.42 7.71
N VAL A 73 13.29 -6.38 8.61
CA VAL A 73 14.14 -7.56 8.87
C VAL A 73 13.54 -8.37 10.01
N LEU A 74 12.93 -7.75 11.02
CA LEU A 74 12.46 -8.47 12.25
C LEU A 74 11.01 -8.94 12.11
N LEU A 75 10.19 -8.30 11.27
CA LEU A 75 8.79 -8.77 11.05
C LEU A 75 8.59 -9.15 9.58
N GLY A 76 9.06 -8.32 8.66
CA GLY A 76 8.87 -8.55 7.21
C GLY A 76 9.25 -9.97 6.82
N ILE A 77 10.55 -10.25 6.84
CA ILE A 77 11.16 -11.51 6.31
C ILE A 77 10.51 -12.67 7.09
N PRO A 78 10.68 -12.80 8.43
CA PRO A 78 10.04 -13.89 9.19
C PRO A 78 8.59 -14.15 8.78
N LEU A 79 7.74 -13.13 8.74
CA LEU A 79 6.30 -13.34 8.44
C LEU A 79 6.18 -13.81 6.98
N LEU A 80 6.90 -13.17 6.07
CA LEU A 80 6.86 -13.59 4.65
C LEU A 80 7.25 -15.05 4.54
N TYR A 81 8.36 -15.44 5.14
CA TYR A 81 8.82 -16.86 5.10
C TYR A 81 7.73 -17.75 5.72
N LEU A 82 7.16 -17.33 6.85
CA LEU A 82 6.11 -18.10 7.58
C LEU A 82 4.82 -18.21 6.76
N GLU A 83 4.57 -17.30 5.80
CA GLU A 83 3.38 -17.35 4.92
C GLU A 83 3.65 -18.34 3.79
N PHE A 84 4.68 -18.09 2.97
CA PHE A 84 5.09 -18.98 1.86
C PHE A 84 5.15 -20.44 2.31
N ALA A 85 5.78 -20.69 3.46
CA ALA A 85 5.98 -22.05 3.99
C ALA A 85 4.66 -22.69 4.43
N ILE A 86 3.71 -21.92 4.99
CA ILE A 86 2.45 -22.51 5.53
C ILE A 86 1.52 -22.91 4.38
N GLY A 87 1.57 -22.19 3.26
CA GLY A 87 0.66 -22.39 2.12
C GLY A 87 1.24 -23.39 1.16
N GLN A 88 2.56 -23.39 1.03
CA GLN A 88 3.22 -24.55 0.41
C GLN A 88 2.87 -25.85 1.13
N ARG A 89 2.81 -25.82 2.46
CA ARG A 89 2.60 -27.06 3.27
C ARG A 89 1.15 -27.51 3.09
N LEU A 90 0.21 -26.69 3.52
CA LEU A 90 -1.23 -27.07 3.52
C LEU A 90 -1.85 -27.08 2.12
N ARG A 91 -1.21 -26.53 1.07
CA ARG A 91 -1.77 -26.64 -0.32
C ARG A 91 -3.25 -26.17 -0.30
N ARG A 92 -3.53 -25.10 0.42
CA ARG A 92 -4.87 -24.50 0.58
C ARG A 92 -4.70 -22.98 0.57
N GLY A 93 -5.72 -22.24 0.13
CA GLY A 93 -5.73 -20.75 0.15
C GLY A 93 -5.77 -20.19 1.56
N SER A 94 -5.71 -18.86 1.77
CA SER A 94 -5.66 -18.29 3.16
C SER A 94 -6.88 -18.70 3.98
N LEU A 95 -8.05 -18.90 3.40
CA LEU A 95 -9.24 -19.14 4.23
C LEU A 95 -9.28 -20.60 4.68
N GLY A 96 -8.76 -21.52 3.85
CA GLY A 96 -8.60 -22.95 4.19
C GLY A 96 -7.46 -23.21 5.16
N VAL A 97 -6.32 -22.52 5.00
CA VAL A 97 -5.09 -22.73 5.81
C VAL A 97 -5.44 -22.64 7.30
N TRP A 98 -6.08 -21.55 7.73
CA TRP A 98 -6.30 -21.25 9.17
C TRP A 98 -7.35 -22.22 9.71
N SER A 99 -8.53 -22.30 9.06
CA SER A 99 -9.59 -23.28 9.43
C SER A 99 -9.00 -24.70 9.57
N SER A 100 -8.03 -25.09 8.73
CA SER A 100 -7.38 -26.42 8.77
C SER A 100 -6.58 -26.62 10.07
N ILE A 101 -5.73 -25.65 10.43
CA ILE A 101 -4.87 -25.71 11.67
C ILE A 101 -5.83 -25.94 12.84
N HIS A 102 -6.76 -25.01 13.04
CA HIS A 102 -7.80 -25.07 14.09
C HIS A 102 -9.10 -24.45 13.55
N PRO A 103 -10.26 -25.15 13.64
CA PRO A 103 -11.53 -24.64 13.11
C PRO A 103 -11.99 -23.29 13.65
N ALA A 104 -11.75 -23.02 14.94
CA ALA A 104 -12.08 -21.71 15.56
C ALA A 104 -11.21 -20.57 14.97
N LEU A 105 -10.29 -20.81 14.04
CA LEU A 105 -9.43 -19.73 13.46
C LEU A 105 -9.81 -19.40 12.01
N LYS A 106 -11.05 -19.61 11.57
CA LYS A 106 -11.42 -19.16 10.20
C LYS A 106 -11.35 -17.63 10.21
N GLY A 107 -11.82 -17.00 11.29
CA GLY A 107 -11.74 -15.54 11.49
C GLY A 107 -10.58 -14.86 10.78
N ILE A 108 -9.38 -15.48 10.77
CA ILE A 108 -8.13 -14.89 10.22
C ILE A 108 -8.38 -14.58 8.73
N GLY A 109 -8.69 -15.60 7.93
CA GLY A 109 -9.00 -15.45 6.49
C GLY A 109 -10.13 -14.45 6.27
N LEU A 110 -11.18 -14.52 7.12
CA LEU A 110 -12.34 -13.59 7.06
C LEU A 110 -11.84 -12.15 7.21
N ALA A 111 -11.04 -11.89 8.25
CA ALA A 111 -10.43 -10.56 8.49
C ALA A 111 -9.49 -10.19 7.33
N SER A 112 -8.78 -11.17 6.78
CA SER A 112 -7.91 -10.98 5.59
C SER A 112 -8.77 -10.48 4.44
N MET A 113 -9.91 -11.13 4.22
CA MET A 113 -10.82 -10.76 3.10
C MET A 113 -11.34 -9.33 3.31
N LEU A 114 -11.81 -8.97 4.52
CA LEU A 114 -12.39 -7.62 4.79
C LEU A 114 -11.35 -6.55 4.48
N THR A 115 -10.15 -6.72 5.05
CA THR A 115 -9.04 -5.77 4.87
C THR A 115 -8.81 -5.59 3.36
N SER A 116 -8.69 -6.69 2.62
CA SER A 116 -8.50 -6.65 1.15
C SER A 116 -9.53 -5.74 0.50
N PHE A 117 -10.81 -5.89 0.86
CA PHE A 117 -11.92 -5.08 0.28
C PHE A 117 -11.65 -3.61 0.62
N MET A 118 -11.45 -3.34 1.91
CA MET A 118 -11.24 -1.95 2.39
C MET A 118 -10.04 -1.29 1.68
N VAL A 119 -9.01 -2.02 1.26
CA VAL A 119 -7.84 -1.40 0.56
C VAL A 119 -8.19 -1.17 -0.90
N GLY A 120 -8.73 -2.17 -1.59
CA GLY A 120 -9.25 -2.06 -2.98
C GLY A 120 -10.18 -0.87 -3.14
N LEU A 121 -10.98 -0.55 -2.10
CA LEU A 121 -11.88 0.64 -2.08
C LEU A 121 -11.13 1.89 -2.54
N TYR A 122 -9.99 2.20 -1.92
CA TYR A 122 -9.23 3.45 -2.22
C TYR A 122 -8.07 3.17 -3.19
N TYR A 123 -7.58 1.92 -3.32
CA TYR A 123 -6.57 1.56 -4.36
C TYR A 123 -7.05 1.96 -5.75
N ASN A 124 -8.33 1.71 -6.07
CA ASN A 124 -8.90 2.07 -7.40
C ASN A 124 -8.90 3.60 -7.54
N THR A 125 -9.30 4.33 -6.49
CA THR A 125 -9.26 5.82 -6.52
C THR A 125 -7.86 6.24 -7.00
N ILE A 126 -6.80 5.70 -6.37
CA ILE A 126 -5.38 5.97 -6.76
C ILE A 126 -5.29 5.73 -8.29
N ILE A 127 -5.76 4.58 -8.76
CA ILE A 127 -5.68 4.18 -10.20
C ILE A 127 -6.50 5.16 -11.05
N SER A 128 -7.66 5.63 -10.57
CA SER A 128 -8.48 6.67 -11.27
C SER A 128 -7.59 7.91 -11.51
N TRP A 129 -6.88 8.36 -10.46
CA TRP A 129 -5.96 9.53 -10.51
C TRP A 129 -4.87 9.29 -11.56
N ILE A 130 -4.28 8.09 -11.52
CA ILE A 130 -3.14 7.70 -12.41
C ILE A 130 -3.58 7.96 -13.86
N MET A 131 -4.68 7.32 -14.27
CA MET A 131 -5.20 7.46 -15.66
C MET A 131 -5.47 8.93 -15.94
N TRP A 132 -6.22 9.59 -15.07
CA TRP A 132 -6.53 11.03 -15.24
C TRP A 132 -5.26 11.76 -15.75
N TYR A 133 -4.15 11.62 -15.02
CA TYR A 133 -2.84 12.25 -15.35
C TYR A 133 -2.38 11.76 -16.73
N LEU A 134 -2.45 10.45 -16.98
CA LEU A 134 -2.15 9.87 -18.31
C LEU A 134 -3.00 10.60 -19.37
N PHE A 135 -4.32 10.66 -19.17
CA PHE A 135 -5.25 11.39 -20.09
C PHE A 135 -4.74 12.80 -20.36
N ASN A 136 -4.24 13.51 -19.34
CA ASN A 136 -3.71 14.90 -19.46
C ASN A 136 -2.23 14.92 -19.90
N SER A 137 -1.62 13.81 -20.32
CA SER A 137 -0.16 13.72 -20.60
C SER A 137 0.11 13.73 -22.11
N PHE A 138 -0.83 14.18 -22.95
CA PHE A 138 -0.73 14.23 -24.43
C PHE A 138 -0.88 15.67 -24.91
N GLN A 139 0.02 16.56 -24.49
CA GLN A 139 -0.02 18.02 -24.83
C GLN A 139 1.39 18.59 -24.73
N GLU A 140 1.95 19.15 -25.80
CA GLU A 140 3.36 19.63 -25.80
C GLU A 140 3.60 20.46 -24.54
N PRO A 141 2.77 21.50 -24.22
CA PRO A 141 2.85 22.21 -22.95
C PRO A 141 1.96 21.53 -21.89
N LEU A 142 2.53 20.56 -21.16
CA LEU A 142 1.77 19.79 -20.14
C LEU A 142 1.01 20.75 -19.24
N PRO A 143 -0.24 20.42 -18.85
CA PRO A 143 -1.06 21.35 -18.08
C PRO A 143 -0.57 21.71 -16.66
N TRP A 144 0.47 21.07 -16.16
CA TRP A 144 1.09 21.43 -14.87
C TRP A 144 2.44 22.11 -15.12
N SER A 145 2.77 22.43 -16.36
CA SER A 145 4.10 23.00 -16.69
C SER A 145 4.21 24.44 -16.19
N ASP A 146 3.10 25.12 -15.97
CA ASP A 146 3.15 26.56 -15.58
C ASP A 146 1.86 26.98 -14.87
N CYS A 147 1.71 28.27 -14.57
CA CYS A 147 0.51 28.79 -13.88
C CYS A 147 -0.52 29.29 -14.90
N PRO A 148 -1.83 29.00 -14.69
CA PRO A 148 -2.90 29.53 -15.55
C PRO A 148 -3.15 31.02 -15.25
N LEU A 149 -3.53 31.74 -16.30
CA LEU A 149 -3.88 33.17 -16.26
C LEU A 149 -5.29 33.34 -15.75
N ASN A 150 -5.55 34.42 -15.01
CA ASN A 150 -6.91 34.88 -14.62
C ASN A 150 -7.77 35.15 -15.87
N GLU A 151 -9.09 35.27 -15.68
CA GLU A 151 -10.12 35.63 -16.72
C GLU A 151 -9.71 36.83 -17.59
N ASN A 152 -9.00 37.83 -17.04
CA ASN A 152 -8.58 39.05 -17.78
C ASN A 152 -7.16 38.88 -18.34
N GLN A 153 -6.56 37.68 -18.31
CA GLN A 153 -5.12 37.49 -18.59
C GLN A 153 -4.31 38.65 -18.00
N THR A 154 -4.62 39.08 -16.77
CA THR A 154 -3.91 40.20 -16.06
C THR A 154 -2.65 39.67 -15.33
N GLY A 155 -2.73 38.57 -14.55
CA GLY A 155 -1.57 37.86 -13.95
C GLY A 155 -1.78 36.35 -13.81
N TYR A 156 -0.93 35.66 -13.07
CA TYR A 156 -1.16 34.24 -12.74
C TYR A 156 -2.21 34.14 -11.65
N VAL A 157 -3.00 33.06 -11.68
CA VAL A 157 -3.93 32.69 -10.57
C VAL A 157 -3.16 32.75 -9.24
N ASP A 158 -3.75 33.37 -8.22
CA ASP A 158 -3.11 33.64 -6.89
C ASP A 158 -2.73 32.30 -6.23
N GLU A 159 -3.71 31.42 -5.94
CA GLU A 159 -3.46 30.10 -5.29
C GLU A 159 -2.29 29.43 -6.00
N CYS A 160 -2.23 29.54 -7.33
CA CYS A 160 -1.16 28.93 -8.14
C CYS A 160 0.19 29.64 -7.94
N ALA A 161 0.22 30.91 -7.57
CA ALA A 161 1.45 31.74 -7.54
C ALA A 161 2.09 31.60 -6.16
N ARG A 162 1.25 31.62 -5.13
CA ARG A 162 1.70 31.35 -3.74
C ARG A 162 2.16 29.89 -3.62
N SER A 163 1.43 28.94 -4.21
CA SER A 163 1.82 27.50 -4.24
C SER A 163 2.58 27.19 -5.54
N SER A 164 2.85 25.91 -5.81
CA SER A 164 3.45 25.43 -7.08
C SER A 164 2.38 25.14 -8.13
N PRO A 165 2.62 25.38 -9.44
CA PRO A 165 1.68 24.98 -10.50
C PRO A 165 1.42 23.47 -10.46
N VAL A 166 2.44 22.68 -10.14
CA VAL A 166 2.30 21.20 -9.92
C VAL A 166 1.40 20.97 -8.71
N ASP A 167 1.53 21.77 -7.66
CA ASP A 167 0.58 21.74 -6.51
C ASP A 167 -0.79 22.14 -7.06
N TYR A 168 -0.86 23.25 -7.80
CA TYR A 168 -2.14 23.80 -8.33
C TYR A 168 -2.87 22.77 -9.20
N PHE A 169 -2.18 21.94 -9.98
CA PHE A 169 -2.84 20.97 -10.90
C PHE A 169 -3.35 19.76 -10.10
N TRP A 170 -2.68 19.36 -9.02
CA TRP A 170 -3.11 18.23 -8.15
C TRP A 170 -4.26 18.70 -7.24
N TYR A 171 -4.09 19.81 -6.54
CA TYR A 171 -5.06 20.28 -5.51
C TYR A 171 -6.31 20.96 -6.12
N ARG A 172 -6.19 21.68 -7.24
CA ARG A 172 -7.32 22.47 -7.78
C ARG A 172 -7.85 21.87 -9.08
N GLU A 173 -6.99 21.72 -10.07
CA GLU A 173 -7.38 21.31 -11.45
C GLU A 173 -7.80 19.84 -11.43
N THR A 174 -7.23 19.00 -10.55
CA THR A 174 -7.46 17.53 -10.49
C THR A 174 -8.46 17.19 -9.39
N LEU A 175 -8.14 17.47 -8.14
CA LEU A 175 -9.00 17.11 -6.98
C LEU A 175 -10.03 18.20 -6.68
N ASN A 176 -9.76 19.47 -6.99
CA ASN A 176 -10.60 20.61 -6.54
C ASN A 176 -10.91 20.41 -5.06
N ILE A 177 -9.87 20.11 -4.26
CA ILE A 177 -9.99 19.75 -2.82
C ILE A 177 -10.81 20.84 -2.13
N SER A 178 -11.61 20.48 -1.13
CA SER A 178 -12.39 21.44 -0.31
C SER A 178 -11.42 22.06 0.73
N THR A 179 -11.86 22.29 1.96
CA THR A 179 -11.03 22.82 3.08
C THR A 179 -11.24 22.03 4.37
N SER A 180 -12.14 21.06 4.38
CA SER A 180 -12.48 20.20 5.54
C SER A 180 -13.06 18.90 4.98
N ILE A 181 -13.08 17.87 5.81
CA ILE A 181 -13.73 16.59 5.44
C ILE A 181 -15.25 16.81 5.48
N SER A 182 -15.73 17.72 6.30
CA SER A 182 -17.18 18.02 6.41
C SER A 182 -17.68 18.74 5.15
N ASP A 183 -16.92 19.72 4.59
CA ASP A 183 -17.33 20.39 3.31
C ASP A 183 -17.15 19.39 2.17
N SER A 184 -18.22 18.78 1.66
CA SER A 184 -18.13 17.73 0.61
C SER A 184 -18.16 18.34 -0.81
N GLY A 185 -18.94 19.41 -1.03
CA GLY A 185 -19.24 19.93 -2.37
C GLY A 185 -19.94 18.88 -3.22
N SER A 186 -19.50 18.66 -4.45
CA SER A 186 -20.17 17.78 -5.46
C SER A 186 -19.28 16.56 -5.77
N ILE A 187 -19.63 15.81 -6.82
CA ILE A 187 -18.85 14.64 -7.33
C ILE A 187 -18.02 15.14 -8.52
N GLN A 188 -16.69 14.98 -8.46
CA GLN A 188 -15.78 15.30 -9.59
C GLN A 188 -16.03 14.24 -10.67
N TRP A 189 -16.80 14.60 -11.70
CA TRP A 189 -17.22 13.66 -12.78
C TRP A 189 -15.99 13.17 -13.57
N TRP A 190 -15.02 14.05 -13.85
CA TRP A 190 -13.74 13.64 -14.50
C TRP A 190 -13.20 12.41 -13.75
N MET A 191 -12.94 12.55 -12.46
CA MET A 191 -12.48 11.43 -11.58
C MET A 191 -13.42 10.24 -11.77
N LEU A 192 -14.74 10.47 -11.69
CA LEU A 192 -15.76 9.41 -11.88
C LEU A 192 -15.47 8.65 -13.19
N LEU A 193 -15.38 9.37 -14.32
CA LEU A 193 -15.15 8.78 -15.67
C LEU A 193 -13.91 7.88 -15.67
N CYS A 194 -12.80 8.35 -15.08
CA CYS A 194 -11.55 7.56 -14.91
C CYS A 194 -11.84 6.35 -14.00
N LEU A 195 -12.43 6.60 -12.83
CA LEU A 195 -12.74 5.51 -11.87
C LEU A 195 -13.64 4.48 -12.57
N ALA A 196 -14.62 4.96 -13.34
CA ALA A 196 -15.48 4.04 -14.11
C ALA A 196 -14.57 3.19 -15.01
N CYS A 197 -13.63 3.83 -15.70
CA CYS A 197 -12.68 3.09 -16.56
C CYS A 197 -11.84 2.14 -15.69
N ALA A 198 -11.39 2.61 -14.53
CA ALA A 198 -10.55 1.78 -13.64
C ALA A 198 -11.32 0.51 -13.25
N TRP A 199 -12.53 0.68 -12.70
CA TRP A 199 -13.35 -0.49 -12.27
C TRP A 199 -13.66 -1.36 -13.50
N SER A 200 -14.13 -0.75 -14.58
CA SER A 200 -14.46 -1.52 -15.80
C SER A 200 -13.22 -2.28 -16.27
N VAL A 201 -12.08 -1.59 -16.32
CA VAL A 201 -10.80 -2.25 -16.72
C VAL A 201 -10.55 -3.40 -15.74
N LEU A 202 -10.83 -3.17 -14.45
CA LEU A 202 -10.63 -4.22 -13.42
C LEU A 202 -11.58 -5.39 -13.68
N TYR A 203 -12.88 -5.11 -13.82
CA TYR A 203 -13.88 -6.18 -14.10
C TYR A 203 -13.45 -6.97 -15.33
N MET A 204 -13.06 -6.28 -16.39
CA MET A 204 -12.65 -6.96 -17.66
C MET A 204 -11.48 -7.90 -17.35
N CYS A 205 -10.49 -7.42 -16.60
CA CYS A 205 -9.30 -8.25 -16.26
C CYS A 205 -9.74 -9.42 -15.38
N THR A 206 -10.61 -9.17 -14.39
CA THR A 206 -11.05 -10.26 -13.48
C THR A 206 -11.73 -11.35 -14.31
N ILE A 207 -12.51 -10.96 -15.31
CA ILE A 207 -13.22 -11.95 -16.18
C ILE A 207 -12.20 -12.69 -17.05
N ARG A 208 -11.28 -11.96 -17.67
CA ARG A 208 -10.31 -12.61 -18.60
C ARG A 208 -8.88 -12.17 -18.26
N GLY A 209 -8.67 -10.87 -18.06
CA GLY A 209 -7.32 -10.35 -17.75
C GLY A 209 -6.51 -11.30 -16.90
N ILE A 210 -7.15 -11.97 -15.93
CA ILE A 210 -6.41 -12.88 -15.00
C ILE A 210 -5.32 -13.63 -15.77
N GLU A 211 -5.71 -14.47 -16.72
CA GLU A 211 -4.71 -15.27 -17.49
C GLU A 211 -3.75 -14.32 -18.20
N THR A 212 -4.28 -13.26 -18.80
CA THR A 212 -3.43 -12.28 -19.55
C THR A 212 -2.39 -11.70 -18.60
N THR A 213 -2.79 -11.36 -17.36
CA THR A 213 -1.85 -10.79 -16.38
C THR A 213 -0.68 -11.77 -16.21
N GLY A 214 -0.99 -13.06 -16.07
CA GLY A 214 0.08 -14.08 -15.96
C GLY A 214 1.03 -13.99 -17.14
N LYS A 215 0.56 -13.46 -18.27
CA LYS A 215 1.41 -13.35 -19.49
C LYS A 215 1.89 -11.91 -19.64
N ALA A 216 1.37 -10.98 -18.84
CA ALA A 216 1.73 -9.55 -18.99
C ALA A 216 2.66 -9.10 -17.86
N VAL A 217 2.69 -9.84 -16.75
CA VAL A 217 3.53 -9.45 -15.58
C VAL A 217 5.01 -9.40 -16.02
N TYR A 218 5.35 -10.12 -17.10
CA TYR A 218 6.75 -10.18 -17.56
C TYR A 218 7.27 -8.77 -17.89
N ILE A 219 6.36 -7.84 -18.23
CA ILE A 219 6.75 -6.44 -18.50
C ILE A 219 6.31 -5.56 -17.33
N THR A 220 5.08 -5.76 -16.86
CA THR A 220 4.52 -4.96 -15.72
C THR A 220 5.48 -4.97 -14.51
N SER A 221 6.23 -6.05 -14.29
CA SER A 221 7.16 -6.20 -13.15
C SER A 221 8.58 -5.71 -13.48
N THR A 222 8.90 -5.39 -14.74
CA THR A 222 10.25 -4.96 -15.18
C THR A 222 10.25 -3.46 -15.53
N LEU A 223 9.26 -3.00 -16.30
CA LEU A 223 9.12 -1.58 -16.73
C LEU A 223 9.38 -0.64 -15.54
N PRO A 224 8.69 -0.76 -14.36
CA PRO A 224 8.91 0.13 -13.22
C PRO A 224 10.37 0.53 -12.99
N TYR A 225 11.24 -0.47 -12.88
CA TYR A 225 12.69 -0.28 -12.55
C TYR A 225 13.31 0.56 -13.67
N VAL A 226 13.00 0.22 -14.93
CA VAL A 226 13.49 0.95 -16.15
C VAL A 226 13.13 2.44 -15.95
N VAL A 227 11.84 2.78 -15.91
CA VAL A 227 11.43 4.21 -15.82
C VAL A 227 12.05 4.86 -14.57
N LEU A 228 11.87 4.26 -13.39
CA LEU A 228 12.49 4.79 -12.14
C LEU A 228 13.96 5.16 -12.40
N THR A 229 14.73 4.32 -13.10
CA THR A 229 16.18 4.58 -13.37
C THR A 229 16.36 5.92 -14.09
N ILE A 230 15.63 6.13 -15.19
CA ILE A 230 15.64 7.42 -15.96
C ILE A 230 15.44 8.55 -14.93
N PHE A 231 14.37 8.46 -14.15
CA PHE A 231 13.96 9.50 -13.15
C PHE A 231 15.06 9.65 -12.09
N LEU A 232 15.70 8.56 -11.67
CA LEU A 232 16.88 8.63 -10.78
C LEU A 232 17.97 9.45 -11.46
N ILE A 233 18.23 9.19 -12.74
CA ILE A 233 19.35 9.88 -13.45
C ILE A 233 19.05 11.38 -13.43
N ARG A 234 17.82 11.80 -13.75
CA ARG A 234 17.50 13.25 -13.78
C ARG A 234 17.51 13.80 -12.36
N GLY A 235 16.85 13.10 -11.43
CA GLY A 235 16.74 13.53 -10.02
C GLY A 235 18.11 13.84 -9.43
N LEU A 236 19.07 12.92 -9.57
CA LEU A 236 20.44 13.10 -9.01
C LEU A 236 21.19 14.24 -9.71
N THR A 237 20.85 14.59 -10.96
CA THR A 237 21.44 15.73 -11.71
C THR A 237 20.71 17.05 -11.40
N LEU A 238 19.64 17.07 -10.58
CA LEU A 238 18.95 18.31 -10.15
C LEU A 238 19.71 18.92 -8.95
N LYS A 239 20.03 20.22 -9.05
CA LYS A 239 20.62 21.05 -7.95
C LYS A 239 19.85 20.79 -6.65
N GLY A 240 20.56 20.47 -5.56
CA GLY A 240 20.00 20.24 -4.22
C GLY A 240 19.58 18.80 -3.95
N ALA A 241 19.61 17.89 -4.94
CA ALA A 241 19.19 16.46 -4.78
C ALA A 241 19.70 15.90 -3.44
N THR A 242 21.01 16.03 -3.19
CA THR A 242 21.71 15.63 -1.95
C THR A 242 20.94 16.10 -0.72
N ASN A 243 20.63 17.40 -0.63
CA ASN A 243 19.85 17.99 0.50
C ASN A 243 18.69 17.05 0.82
N GLY A 244 17.92 16.66 -0.19
CA GLY A 244 16.85 15.65 -0.09
C GLY A 244 17.36 14.30 0.38
N ILE A 245 18.38 13.76 -0.29
CA ILE A 245 18.89 12.37 -0.03
C ILE A 245 19.31 12.30 1.45
N VAL A 246 20.15 13.24 1.91
CA VAL A 246 20.70 13.20 3.31
C VAL A 246 19.53 13.29 4.31
N PHE A 247 18.55 14.17 4.04
CA PHE A 247 17.35 14.36 4.90
C PHE A 247 16.61 13.02 5.07
N LEU A 248 16.52 12.22 4.00
CA LEU A 248 15.94 10.84 4.01
C LEU A 248 16.68 9.89 4.98
N PHE A 249 17.95 10.13 5.34
CA PHE A 249 18.75 9.18 6.17
C PHE A 249 19.33 9.85 7.43
N THR A 250 18.95 11.08 7.80
CA THR A 250 19.40 11.73 9.07
C THR A 250 18.21 11.69 10.04
N PRO A 251 18.06 10.66 10.90
CA PRO A 251 16.90 10.57 11.80
C PRO A 251 16.78 11.70 12.84
N ASN A 252 15.56 12.18 13.09
CA ASN A 252 15.33 13.18 14.17
C ASN A 252 14.99 12.35 15.41
N VAL A 253 15.97 12.06 16.26
CA VAL A 253 15.76 11.17 17.45
C VAL A 253 14.36 11.36 18.04
N THR A 254 13.95 12.61 18.28
CA THR A 254 12.62 12.89 18.90
C THR A 254 11.54 12.14 18.14
N GLU A 255 11.49 12.31 16.82
CA GLU A 255 10.49 11.60 15.98
C GLU A 255 10.75 10.09 16.03
N LEU A 256 12.02 9.69 16.06
CA LEU A 256 12.38 8.25 16.12
C LEU A 256 11.92 7.66 17.46
N ALA A 257 11.52 8.52 18.40
CA ALA A 257 11.04 8.06 19.72
C ALA A 257 9.53 8.21 19.80
N GLN A 258 8.87 8.38 18.65
CA GLN A 258 7.39 8.55 18.63
C GLN A 258 6.74 7.19 18.41
N PRO A 259 5.74 6.79 19.23
CA PRO A 259 5.13 5.47 19.10
C PRO A 259 4.31 5.33 17.82
N ASP A 260 4.03 6.45 17.15
CA ASP A 260 3.27 6.42 15.87
C ASP A 260 4.24 6.17 14.70
N THR A 261 5.48 6.64 14.81
CA THR A 261 6.50 6.36 13.77
C THR A 261 6.66 4.85 13.66
N TRP A 262 6.83 4.17 14.80
CA TRP A 262 7.06 2.71 14.83
C TRP A 262 5.75 1.96 14.50
N LEU A 263 4.60 2.62 14.66
CA LEU A 263 3.31 2.00 14.30
C LEU A 263 3.15 2.05 12.78
N ASP A 264 3.43 3.21 12.17
CA ASP A 264 3.25 3.38 10.71
C ASP A 264 4.28 2.53 9.95
N ALA A 265 5.56 2.61 10.36
CA ALA A 265 6.61 1.77 9.73
C ALA A 265 6.17 0.31 9.74
N GLY A 266 5.62 -0.15 10.86
CA GLY A 266 5.17 -1.55 10.98
C GLY A 266 4.16 -1.92 9.90
N ALA A 267 3.10 -1.14 9.77
CA ALA A 267 2.04 -1.43 8.77
C ALA A 267 2.62 -1.33 7.35
N GLN A 268 3.50 -0.36 7.12
CA GLN A 268 4.08 -0.16 5.76
C GLN A 268 4.71 -1.46 5.27
N VAL A 269 5.49 -2.13 6.12
CA VAL A 269 6.15 -3.41 5.73
C VAL A 269 5.08 -4.39 5.25
N PHE A 270 4.03 -4.59 6.04
CA PHE A 270 2.95 -5.58 5.70
C PHE A 270 2.25 -5.16 4.41
N PHE A 271 2.12 -3.85 4.18
CA PHE A 271 1.41 -3.33 2.97
C PHE A 271 2.31 -3.52 1.74
N SER A 272 3.62 -3.31 1.90
CA SER A 272 4.57 -3.48 0.77
C SER A 272 4.67 -4.95 0.40
N PHE A 273 4.87 -5.83 1.38
CA PHE A 273 5.02 -7.28 1.13
C PHE A 273 3.68 -7.91 0.80
N SER A 274 2.57 -7.18 1.03
CA SER A 274 1.21 -7.72 0.81
C SER A 274 0.92 -8.81 1.86
N LEU A 275 1.66 -8.78 2.98
CA LEU A 275 1.44 -9.74 4.09
C LEU A 275 0.09 -9.46 4.76
N ALA A 276 -0.42 -10.40 5.55
CA ALA A 276 -1.70 -10.20 6.27
C ALA A 276 -2.81 -9.84 5.28
N PHE A 277 -2.75 -10.39 4.07
CA PHE A 277 -3.77 -10.12 3.02
C PHE A 277 -4.31 -11.43 2.48
N GLY A 278 -3.47 -12.45 2.36
CA GLY A 278 -3.88 -13.80 1.95
C GLY A 278 -3.28 -14.21 0.62
N GLY A 279 -3.03 -13.26 -0.29
CA GLY A 279 -2.50 -13.57 -1.62
C GLY A 279 -1.25 -14.46 -1.58
N LEU A 280 -0.25 -14.08 -0.79
CA LEU A 280 1.03 -14.83 -0.75
C LEU A 280 0.76 -16.30 -0.38
N ILE A 281 -0.05 -16.53 0.64
CA ILE A 281 -0.39 -17.92 1.08
C ILE A 281 -0.96 -18.68 -0.10
N SER A 282 -2.02 -18.17 -0.72
CA SER A 282 -2.66 -18.85 -1.89
C SER A 282 -1.62 -19.07 -2.99
N PHE A 283 -0.77 -18.09 -3.24
CA PHE A 283 0.29 -18.21 -4.28
C PHE A 283 1.16 -19.42 -3.99
N ALA A 284 1.70 -19.50 -2.78
CA ALA A 284 2.59 -20.62 -2.40
C ALA A 284 1.79 -21.94 -2.44
N SER A 285 0.47 -21.86 -2.24
CA SER A 285 -0.39 -23.07 -2.24
C SER A 285 -0.25 -23.83 -3.56
N TYR A 286 0.22 -23.17 -4.62
CA TYR A 286 0.34 -23.82 -5.94
C TYR A 286 1.81 -24.06 -6.27
N ASN A 287 2.70 -23.93 -5.28
CA ASN A 287 4.15 -24.20 -5.49
C ASN A 287 4.43 -25.68 -5.27
N SER A 288 5.50 -26.20 -5.86
CA SER A 288 5.89 -27.63 -5.67
C SER A 288 6.08 -27.92 -4.18
N VAL A 289 5.83 -29.16 -3.75
CA VAL A 289 5.94 -29.53 -2.31
C VAL A 289 7.41 -29.57 -1.90
N HIS A 290 8.32 -29.20 -2.80
CA HIS A 290 9.78 -29.23 -2.50
C HIS A 290 10.43 -27.92 -2.93
N ASN A 291 9.63 -26.95 -3.38
CA ASN A 291 10.16 -25.62 -3.75
C ASN A 291 10.79 -25.00 -2.49
N ASN A 292 12.00 -24.47 -2.61
CA ASN A 292 12.65 -23.79 -1.45
C ASN A 292 11.95 -22.45 -1.20
N CYS A 293 11.05 -22.40 -0.22
CA CYS A 293 10.33 -21.15 0.11
C CYS A 293 11.19 -20.29 1.04
N GLU A 294 12.33 -20.82 1.50
CA GLU A 294 13.26 -20.05 2.37
C GLU A 294 14.04 -19.07 1.49
N LYS A 295 14.39 -19.47 0.26
CA LYS A 295 15.08 -18.56 -0.68
C LYS A 295 14.08 -17.54 -1.22
N ASP A 296 12.92 -18.02 -1.68
CA ASP A 296 11.88 -17.12 -2.23
C ASP A 296 11.66 -15.96 -1.26
N SER A 297 11.28 -16.27 -0.02
CA SER A 297 11.05 -15.23 1.02
C SER A 297 12.19 -14.20 0.99
N VAL A 298 13.42 -14.65 1.20
CA VAL A 298 14.60 -13.72 1.26
C VAL A 298 14.66 -12.90 -0.04
N ILE A 299 14.80 -13.56 -1.19
CA ILE A 299 14.90 -12.84 -2.50
C ILE A 299 13.80 -11.79 -2.57
N VAL A 300 12.54 -12.21 -2.48
CA VAL A 300 11.38 -11.27 -2.60
C VAL A 300 11.54 -10.13 -1.60
N SER A 301 11.77 -10.47 -0.32
CA SER A 301 11.90 -9.43 0.74
C SER A 301 12.96 -8.40 0.36
N ILE A 302 14.17 -8.86 0.03
CA ILE A 302 15.29 -7.94 -0.32
C ILE A 302 14.85 -7.02 -1.46
N ILE A 303 14.44 -7.58 -2.58
CA ILE A 303 14.09 -6.75 -3.77
C ILE A 303 12.98 -5.76 -3.39
N ASN A 304 11.90 -6.25 -2.76
CA ASN A 304 10.77 -5.38 -2.34
C ASN A 304 11.33 -4.20 -1.53
N GLY A 305 12.17 -4.48 -0.52
CA GLY A 305 12.79 -3.41 0.29
C GLY A 305 13.60 -2.46 -0.56
N PHE A 306 14.55 -2.99 -1.34
CA PHE A 306 15.35 -2.14 -2.24
C PHE A 306 14.41 -1.26 -3.06
N THR A 307 13.38 -1.85 -3.65
CA THR A 307 12.41 -1.09 -4.48
C THR A 307 11.94 0.15 -3.72
N SER A 308 11.44 -0.02 -2.51
CA SER A 308 10.90 1.12 -1.72
C SER A 308 12.00 2.19 -1.50
N VAL A 309 13.17 1.79 -1.00
CA VAL A 309 14.30 2.73 -0.77
C VAL A 309 14.66 3.40 -2.10
N TYR A 310 14.72 2.63 -3.18
CA TYR A 310 15.05 3.17 -4.53
C TYR A 310 14.04 4.26 -4.89
N VAL A 311 12.75 3.97 -4.73
CA VAL A 311 11.67 4.96 -5.05
C VAL A 311 11.87 6.19 -4.18
N ALA A 312 12.12 5.99 -2.89
CA ALA A 312 12.29 7.12 -1.94
C ALA A 312 13.47 7.99 -2.38
N ILE A 313 14.56 7.38 -2.82
CA ILE A 313 15.77 8.14 -3.27
C ILE A 313 15.37 8.99 -4.48
N VAL A 314 14.60 8.44 -5.41
CA VAL A 314 14.12 9.21 -6.59
C VAL A 314 13.28 10.40 -6.09
N VAL A 315 12.22 10.13 -5.35
CA VAL A 315 11.29 11.20 -4.86
C VAL A 315 12.08 12.22 -4.04
N TYR A 316 12.82 11.78 -3.03
CA TYR A 316 13.52 12.73 -2.11
C TYR A 316 14.53 13.57 -2.88
N SER A 317 15.16 13.01 -3.91
CA SER A 317 16.08 13.82 -4.75
C SER A 317 15.31 15.04 -5.29
N VAL A 318 14.10 14.82 -5.81
CA VAL A 318 13.27 15.93 -6.35
C VAL A 318 12.86 16.86 -5.20
N ILE A 319 12.35 16.31 -4.09
CA ILE A 319 11.98 17.14 -2.91
C ILE A 319 13.17 18.05 -2.58
N GLY A 320 14.37 17.48 -2.47
CA GLY A 320 15.58 18.28 -2.21
C GLY A 320 15.67 19.45 -3.18
N PHE A 321 15.63 19.16 -4.48
CA PHE A 321 15.66 20.23 -5.50
C PHE A 321 14.64 21.32 -5.14
N ARG A 322 13.35 20.97 -5.07
CA ARG A 322 12.29 21.96 -4.77
C ARG A 322 12.65 22.79 -3.54
N ALA A 323 12.88 22.13 -2.40
CA ALA A 323 13.20 22.84 -1.14
C ALA A 323 14.43 23.72 -1.33
N THR A 324 15.52 23.16 -1.86
CA THR A 324 16.78 23.92 -2.07
C THR A 324 16.49 25.18 -2.88
N GLN A 325 15.63 25.07 -3.90
CA GLN A 325 15.27 26.24 -4.75
C GLN A 325 14.64 27.33 -3.88
N ARG A 326 13.97 26.95 -2.80
CA ARG A 326 13.29 27.93 -1.92
C ARG A 326 14.29 28.45 -0.89
N TYR A 327 15.13 27.57 -0.32
CA TYR A 327 16.19 28.05 0.60
C TYR A 327 17.04 29.06 -0.18
N ASP A 328 17.10 28.89 -1.51
CA ASP A 328 17.84 29.84 -2.38
C ASP A 328 17.02 31.11 -2.52
N ASP A 329 15.74 31.00 -2.89
CA ASP A 329 14.86 32.19 -2.95
C ASP A 329 15.00 32.97 -1.65
N CYS A 330 15.18 32.26 -0.53
CA CYS A 330 15.39 32.91 0.79
C CYS A 330 16.88 33.08 1.05
N ASP A 378 15.69 26.98 7.71
CA ASP A 378 16.85 26.31 7.05
C ASP A 378 16.34 25.33 6.00
N ILE A 379 17.23 24.80 5.17
CA ILE A 379 16.82 23.78 4.16
C ILE A 379 15.99 22.71 4.87
N ASN A 380 16.36 22.35 6.09
CA ASN A 380 15.59 21.36 6.88
C ASN A 380 14.09 21.74 6.84
N ALA A 381 13.76 22.92 7.36
CA ALA A 381 12.35 23.40 7.37
C ALA A 381 11.77 23.31 5.96
N PHE A 382 12.49 23.84 4.97
CA PHE A 382 12.01 23.83 3.57
C PHE A 382 11.65 22.39 3.17
N LEU A 383 12.61 21.47 3.30
CA LEU A 383 12.38 20.04 2.94
C LEU A 383 11.13 19.53 3.66
N SER A 384 11.00 19.84 4.94
CA SER A 384 9.83 19.36 5.74
C SER A 384 8.52 19.92 5.20
N GLU A 385 8.54 21.10 4.57
CA GLU A 385 7.30 21.75 4.11
C GLU A 385 7.22 21.76 2.58
N ALA A 386 8.08 20.99 1.91
CA ALA A 386 8.11 20.97 0.42
C ALA A 386 6.81 20.34 -0.11
N VAL A 387 6.56 19.08 0.23
CA VAL A 387 5.35 18.35 -0.26
C VAL A 387 4.83 17.49 0.88
N GLU A 388 3.54 17.60 1.22
CA GLU A 388 2.95 16.85 2.35
C GLU A 388 1.56 16.37 1.99
N GLY A 389 1.32 15.05 2.03
CA GLY A 389 -0.02 14.50 1.78
C GLY A 389 0.02 13.22 0.96
N THR A 390 -1.14 12.76 0.48
CA THR A 390 -1.23 11.49 -0.29
C THR A 390 -0.81 11.73 -1.74
N GLY A 391 -1.02 12.95 -2.24
CA GLY A 391 -0.66 13.29 -3.62
C GLY A 391 0.82 13.59 -3.79
N LEU A 392 1.61 13.43 -2.72
CA LEU A 392 3.07 13.71 -2.75
C LEU A 392 3.67 13.11 -4.03
N ALA A 393 3.45 11.80 -4.26
CA ALA A 393 4.00 11.11 -5.44
C ALA A 393 3.56 11.85 -6.72
N PHE A 394 2.26 12.03 -6.90
CA PHE A 394 1.73 12.74 -8.10
C PHE A 394 2.45 14.09 -8.26
N ILE A 395 2.51 14.87 -7.19
CA ILE A 395 3.15 16.23 -7.25
C ILE A 395 4.64 16.08 -7.58
N VAL A 396 5.36 15.22 -6.86
CA VAL A 396 6.85 15.10 -7.05
C VAL A 396 7.16 14.60 -8.46
N PHE A 397 6.73 13.39 -8.82
CA PHE A 397 7.05 12.81 -10.15
C PHE A 397 6.64 13.78 -11.26
N THR A 398 5.51 14.49 -11.09
CA THR A 398 5.07 15.45 -12.13
C THR A 398 6.07 16.61 -12.21
N GLU A 399 6.49 17.15 -11.06
CA GLU A 399 7.53 18.21 -11.07
C GLU A 399 8.76 17.70 -11.84
N ALA A 400 9.23 16.49 -11.50
CA ALA A 400 10.39 15.88 -12.20
C ALA A 400 10.13 15.84 -13.70
N ILE A 401 8.99 15.30 -14.12
CA ILE A 401 8.65 15.19 -15.58
C ILE A 401 8.85 16.56 -16.24
N THR A 402 8.27 17.61 -15.66
CA THR A 402 8.36 18.97 -16.27
C THR A 402 9.83 19.31 -16.58
N LYS A 403 10.77 18.83 -15.76
CA LYS A 403 12.21 19.05 -16.02
C LYS A 403 12.77 17.90 -16.86
N MET A 404 12.30 17.75 -18.10
CA MET A 404 12.76 16.65 -18.99
C MET A 404 12.57 17.08 -20.45
N PRO A 405 13.46 16.67 -21.38
CA PRO A 405 13.27 16.98 -22.80
C PRO A 405 12.04 16.24 -23.32
N LEU A 406 11.28 16.85 -24.24
CA LEU A 406 10.02 16.23 -24.74
C LEU A 406 9.28 15.65 -23.55
N SER A 407 9.00 16.48 -22.54
CA SER A 407 8.32 16.03 -21.30
C SER A 407 7.13 15.10 -21.61
N PRO A 408 6.20 15.46 -22.52
CA PRO A 408 5.01 14.63 -22.78
C PRO A 408 5.35 13.13 -22.93
N LEU A 409 6.40 12.82 -23.67
CA LEU A 409 6.81 11.40 -23.85
C LEU A 409 7.05 10.77 -22.48
N TRP A 410 7.85 11.42 -21.64
CA TRP A 410 8.18 10.89 -20.28
C TRP A 410 6.91 10.78 -19.44
N SER A 411 6.08 11.83 -19.43
CA SER A 411 4.81 11.80 -18.66
C SER A 411 4.02 10.54 -19.03
N VAL A 412 3.86 10.29 -20.33
CA VAL A 412 3.10 9.10 -20.82
C VAL A 412 3.80 7.83 -20.31
N LEU A 413 5.09 7.67 -20.60
CA LEU A 413 5.85 6.49 -20.11
C LEU A 413 5.58 6.28 -18.62
N PHE A 414 5.78 7.33 -17.80
CA PHE A 414 5.63 7.17 -16.33
C PHE A 414 4.20 6.78 -15.97
N PHE A 415 3.21 7.47 -16.52
CA PHE A 415 1.80 7.18 -16.11
C PHE A 415 1.38 5.81 -16.66
N ILE A 416 1.93 5.41 -17.80
CA ILE A 416 1.62 4.06 -18.36
C ILE A 416 2.14 2.99 -17.40
N MET A 417 3.40 3.10 -16.97
CA MET A 417 3.99 2.07 -16.09
C MET A 417 3.25 2.07 -14.74
N LEU A 418 2.90 3.26 -14.25
CA LEU A 418 2.19 3.37 -12.94
C LEU A 418 0.79 2.77 -13.08
N PHE A 419 0.14 2.99 -14.22
CA PHE A 419 -1.21 2.40 -14.47
C PHE A 419 -1.11 0.88 -14.48
N CYS A 420 -0.11 0.35 -15.18
CA CYS A 420 0.08 -1.13 -15.25
C CYS A 420 0.41 -1.66 -13.86
N LEU A 421 1.36 -1.03 -13.16
CA LEU A 421 1.72 -1.45 -11.77
C LEU A 421 0.46 -1.42 -10.89
N GLY A 422 -0.36 -0.38 -11.05
CA GLY A 422 -1.61 -0.27 -10.26
C GLY A 422 -2.61 -1.33 -10.65
N LEU A 423 -2.89 -1.47 -11.96
CA LEU A 423 -3.87 -2.46 -12.45
C LEU A 423 -3.53 -3.85 -11.87
N SER A 424 -2.26 -4.26 -12.00
CA SER A 424 -1.82 -5.58 -11.49
C SER A 424 -2.04 -5.66 -9.99
N SER A 425 -1.54 -4.66 -9.25
CA SER A 425 -1.69 -4.64 -7.77
C SER A 425 -3.18 -4.76 -7.40
N MET A 426 -4.05 -4.01 -8.08
CA MET A 426 -5.50 -4.03 -7.77
C MET A 426 -6.08 -5.40 -8.12
N PHE A 427 -5.66 -5.99 -9.24
CA PHE A 427 -6.19 -7.31 -9.67
C PHE A 427 -5.88 -8.34 -8.59
N GLY A 428 -4.63 -8.42 -8.15
CA GLY A 428 -4.25 -9.36 -7.08
C GLY A 428 -5.12 -9.16 -5.85
N ASN A 429 -5.40 -7.90 -5.50
CA ASN A 429 -6.22 -7.59 -4.31
C ASN A 429 -7.65 -8.09 -4.52
N MET A 430 -8.19 -7.89 -5.73
CA MET A 430 -9.58 -8.34 -6.02
C MET A 430 -9.68 -9.84 -5.73
N GLU A 431 -8.67 -10.61 -6.17
CA GLU A 431 -8.66 -12.07 -5.90
C GLU A 431 -8.80 -12.30 -4.40
N GLY A 432 -8.08 -11.53 -3.58
CA GLY A 432 -8.12 -11.67 -2.12
C GLY A 432 -9.50 -11.42 -1.54
N VAL A 433 -10.44 -10.96 -2.37
CA VAL A 433 -11.84 -10.72 -1.90
C VAL A 433 -12.76 -11.76 -2.55
N VAL A 434 -12.63 -11.99 -3.86
CA VAL A 434 -13.53 -12.93 -4.59
C VAL A 434 -13.22 -14.38 -4.19
N VAL A 435 -11.97 -14.81 -4.34
CA VAL A 435 -11.57 -16.20 -4.04
C VAL A 435 -12.19 -16.64 -2.70
N PRO A 436 -11.86 -15.97 -1.56
CA PRO A 436 -12.36 -16.40 -0.26
C PRO A 436 -13.89 -16.46 -0.25
N LEU A 437 -14.55 -15.45 -0.81
CA LEU A 437 -16.04 -15.44 -0.88
C LEU A 437 -16.52 -16.72 -1.57
N GLN A 438 -15.95 -17.05 -2.73
CA GLN A 438 -16.30 -18.30 -3.44
C GLN A 438 -16.18 -19.47 -2.47
N ASP A 439 -15.05 -19.58 -1.77
CA ASP A 439 -14.83 -20.70 -0.80
C ASP A 439 -15.90 -20.66 0.28
N LEU A 440 -16.29 -19.47 0.74
CA LEU A 440 -17.35 -19.33 1.76
C LEU A 440 -18.63 -19.99 1.24
N ARG A 441 -18.71 -20.23 -0.07
CA ARG A 441 -19.91 -20.86 -0.66
C ARG A 441 -21.14 -20.08 -0.19
N VAL A 442 -21.11 -18.76 -0.32
CA VAL A 442 -22.20 -17.89 0.17
C VAL A 442 -23.08 -17.48 -1.01
N ILE A 443 -22.96 -18.16 -2.14
CA ILE A 443 -23.73 -17.80 -3.37
C ILE A 443 -24.20 -19.07 -4.07
N PRO A 444 -25.40 -19.08 -4.71
CA PRO A 444 -25.84 -20.23 -5.48
C PRO A 444 -24.72 -20.64 -6.43
N PRO A 445 -24.18 -21.88 -6.37
CA PRO A 445 -23.06 -22.29 -7.22
C PRO A 445 -23.27 -21.84 -8.68
N LYS A 446 -24.49 -22.04 -9.21
CA LYS A 446 -24.83 -21.57 -10.58
C LYS A 446 -24.14 -20.22 -10.84
N TRP A 447 -24.43 -19.21 -10.01
CA TRP A 447 -23.78 -17.87 -10.17
C TRP A 447 -22.32 -18.06 -10.57
N PRO A 448 -21.92 -17.72 -11.81
CA PRO A 448 -20.52 -17.82 -12.24
C PRO A 448 -19.69 -16.84 -11.43
N LYS A 449 -18.38 -17.08 -11.33
CA LYS A 449 -17.48 -16.12 -10.63
C LYS A 449 -17.79 -14.71 -11.15
N GLU A 450 -18.09 -14.59 -12.44
CA GLU A 450 -18.45 -13.28 -13.03
C GLU A 450 -19.43 -12.55 -12.09
N VAL A 451 -20.55 -13.19 -11.80
CA VAL A 451 -21.58 -12.57 -10.91
C VAL A 451 -20.88 -12.02 -9.66
N LEU A 452 -20.30 -12.90 -8.85
CA LEU A 452 -19.59 -12.48 -7.62
C LEU A 452 -18.67 -11.29 -7.95
N THR A 453 -17.77 -11.44 -8.91
CA THR A 453 -16.79 -10.36 -9.20
C THR A 453 -17.54 -9.07 -9.58
N GLY A 454 -18.37 -9.09 -10.63
CA GLY A 454 -19.15 -7.90 -11.01
C GLY A 454 -19.81 -7.26 -9.80
N LEU A 455 -20.50 -8.06 -8.98
CA LEU A 455 -21.19 -7.53 -7.78
C LEU A 455 -20.16 -6.85 -6.87
N ILE A 456 -19.09 -7.55 -6.52
CA ILE A 456 -18.00 -6.95 -5.69
C ILE A 456 -17.59 -5.61 -6.31
N CYS A 457 -17.11 -5.65 -7.56
CA CYS A 457 -16.68 -4.42 -8.28
C CYS A 457 -17.75 -3.32 -8.13
N LEU A 458 -19.00 -3.64 -8.48
CA LEU A 458 -20.10 -2.64 -8.40
C LEU A 458 -20.17 -2.03 -7.00
N GLY A 459 -20.32 -2.88 -5.98
CA GLY A 459 -20.43 -2.40 -4.59
C GLY A 459 -19.27 -1.50 -4.21
N THR A 460 -18.04 -1.97 -4.42
CA THR A 460 -16.84 -1.15 -4.10
C THR A 460 -16.94 0.18 -4.86
N PHE A 461 -17.12 0.12 -6.18
CA PHE A 461 -17.22 1.35 -7.01
C PHE A 461 -18.22 2.32 -6.36
N LEU A 462 -19.42 1.84 -6.02
CA LEU A 462 -20.47 2.70 -5.43
C LEU A 462 -19.88 3.45 -4.23
N ILE A 463 -19.33 2.75 -3.25
CA ILE A 463 -18.70 3.39 -2.06
C ILE A 463 -17.57 4.30 -2.54
N GLY A 464 -16.81 3.87 -3.55
CA GLY A 464 -15.68 4.66 -4.07
C GLY A 464 -16.07 6.07 -4.45
N LEU A 465 -17.36 6.31 -4.69
CA LEU A 465 -17.85 7.67 -5.07
C LEU A 465 -17.53 8.67 -3.94
N ILE A 466 -17.33 8.17 -2.72
CA ILE A 466 -16.96 9.07 -1.58
C ILE A 466 -15.66 9.81 -1.92
N PHE A 467 -14.80 9.21 -2.76
CA PHE A 467 -13.49 9.82 -3.08
C PHE A 467 -13.64 10.79 -4.25
N THR A 468 -14.70 10.63 -5.05
CA THR A 468 -14.98 11.55 -6.18
C THR A 468 -15.45 12.89 -5.63
N LEU A 469 -15.93 12.91 -4.39
CA LEU A 469 -16.38 14.17 -3.74
C LEU A 469 -15.20 15.15 -3.66
N ASN A 470 -15.49 16.43 -3.44
CA ASN A 470 -14.40 17.46 -3.33
C ASN A 470 -13.62 17.20 -2.04
N SER A 471 -14.18 16.43 -1.10
CA SER A 471 -13.48 16.10 0.16
C SER A 471 -12.90 14.68 0.07
N GLY A 472 -12.87 14.10 -1.12
CA GLY A 472 -12.41 12.71 -1.30
C GLY A 472 -11.01 12.47 -0.75
N GLN A 473 -10.06 13.35 -1.07
CA GLN A 473 -8.66 13.20 -0.60
C GLN A 473 -8.65 13.03 0.93
N TYR A 474 -9.36 13.91 1.65
CA TYR A 474 -9.43 13.80 3.13
C TYR A 474 -9.91 12.40 3.51
N TRP A 475 -10.96 11.92 2.84
CA TRP A 475 -11.51 10.57 3.10
C TRP A 475 -10.44 9.49 2.89
N LEU A 476 -9.81 9.48 1.71
CA LEU A 476 -8.80 8.44 1.39
C LEU A 476 -7.73 8.44 2.49
N SER A 477 -7.17 9.61 2.81
CA SER A 477 -6.15 9.71 3.89
C SER A 477 -6.67 9.02 5.17
N LEU A 478 -7.86 9.41 5.63
CA LEU A 478 -8.47 8.81 6.84
C LEU A 478 -8.45 7.28 6.73
N LEU A 479 -9.13 6.74 5.73
CA LEU A 479 -9.24 5.26 5.57
C LEU A 479 -7.83 4.66 5.54
N ASP A 480 -6.98 5.14 4.64
CA ASP A 480 -5.60 4.59 4.49
C ASP A 480 -4.91 4.52 5.87
N SER A 481 -5.11 5.54 6.71
CA SER A 481 -4.44 5.61 8.04
C SER A 481 -4.93 4.51 8.97
N TYR A 482 -6.06 3.87 8.67
CA TYR A 482 -6.63 2.85 9.61
C TYR A 482 -6.87 1.53 8.89
N ALA A 483 -7.64 1.55 7.80
CA ALA A 483 -7.95 0.31 7.03
C ALA A 483 -6.67 -0.45 6.71
N GLY A 484 -5.57 0.28 6.45
CA GLY A 484 -4.30 -0.37 6.06
C GLY A 484 -3.26 -0.28 7.14
N SER A 485 -3.65 -0.50 8.40
CA SER A 485 -2.69 -0.35 9.55
C SER A 485 -2.97 -1.38 10.64
N ILE A 486 -3.65 -0.96 11.71
CA ILE A 486 -3.92 -1.87 12.86
C ILE A 486 -4.43 -3.23 12.35
N PRO A 487 -5.43 -3.31 11.44
CA PRO A 487 -5.97 -4.61 11.03
C PRO A 487 -4.85 -5.57 10.60
N LEU A 488 -3.94 -5.10 9.74
CA LEU A 488 -2.81 -5.94 9.27
C LEU A 488 -2.01 -6.45 10.47
N LEU A 489 -1.62 -5.54 11.36
CA LEU A 489 -0.84 -5.92 12.58
C LEU A 489 -1.54 -7.08 13.28
N ILE A 490 -2.83 -6.92 13.59
CA ILE A 490 -3.62 -8.00 14.25
C ILE A 490 -3.46 -9.31 13.46
N ILE A 491 -3.88 -9.32 12.19
CA ILE A 491 -3.79 -10.56 11.35
C ILE A 491 -2.39 -11.15 11.47
N ALA A 492 -1.35 -10.34 11.26
CA ALA A 492 0.05 -10.82 11.35
C ALA A 492 0.25 -11.60 12.65
N PHE A 493 0.03 -10.97 13.80
CA PHE A 493 0.20 -11.64 15.10
C PHE A 493 -0.62 -12.93 15.13
N ALA A 494 -1.92 -12.84 14.82
CA ALA A 494 -2.80 -14.03 14.79
C ALA A 494 -2.10 -15.16 14.01
N GLU A 495 -1.78 -14.92 12.75
CA GLU A 495 -1.11 -15.94 11.90
C GLU A 495 0.11 -16.52 12.64
N MET A 496 1.07 -15.67 13.00
CA MET A 496 2.29 -16.13 13.70
C MET A 496 1.90 -17.04 14.87
N PHE A 497 1.11 -16.52 15.81
CA PHE A 497 0.71 -17.30 17.00
C PHE A 497 0.08 -18.63 16.57
N SER A 498 -0.92 -18.57 15.70
CA SER A 498 -1.65 -19.79 15.26
C SER A 498 -0.65 -20.85 14.77
N VAL A 499 0.37 -20.45 14.01
CA VAL A 499 1.32 -21.44 13.41
C VAL A 499 2.33 -21.91 14.46
N VAL A 500 2.68 -21.07 15.42
CA VAL A 500 3.76 -21.41 16.41
C VAL A 500 3.16 -22.06 17.65
N TRP A 501 1.95 -21.69 18.05
CA TRP A 501 1.37 -22.20 19.33
C TRP A 501 0.20 -23.16 19.08
N VAL A 502 -0.54 -22.98 18.00
CA VAL A 502 -1.71 -23.88 17.68
C VAL A 502 -1.19 -25.03 16.80
N TYR A 503 -0.68 -24.71 15.61
CA TYR A 503 -0.14 -25.74 14.69
C TYR A 503 1.13 -26.36 15.29
N GLY A 504 1.86 -25.60 16.11
CA GLY A 504 3.10 -26.09 16.73
C GLY A 504 4.32 -25.76 15.88
N VAL A 505 5.29 -25.05 16.46
CA VAL A 505 6.54 -24.67 15.72
C VAL A 505 7.34 -25.94 15.42
N ASP A 506 7.34 -26.91 16.34
CA ASP A 506 8.08 -28.18 16.13
C ASP A 506 7.56 -28.85 14.86
N ARG A 507 6.27 -29.14 14.80
CA ARG A 507 5.66 -29.71 13.56
C ARG A 507 6.11 -28.86 12.38
N PHE A 508 5.89 -27.55 12.46
CA PHE A 508 6.26 -26.63 11.36
C PHE A 508 7.70 -26.89 10.90
N ASN A 509 8.63 -26.88 11.84
CA ASN A 509 10.07 -27.07 11.51
C ASN A 509 10.26 -28.38 10.73
N LYS A 510 9.68 -29.48 11.23
CA LYS A 510 9.81 -30.80 10.55
C LYS A 510 9.27 -30.69 9.12
N ASP A 511 8.08 -30.12 8.95
CA ASP A 511 7.44 -30.00 7.61
C ASP A 511 8.37 -29.21 6.68
N ILE A 512 8.89 -28.08 7.14
CA ILE A 512 9.84 -27.26 6.31
C ILE A 512 11.07 -28.11 6.00
N GLU A 513 11.54 -28.90 6.97
CA GLU A 513 12.73 -29.76 6.78
C GLU A 513 12.43 -30.83 5.72
N PHE A 514 11.15 -31.13 5.51
CA PHE A 514 10.74 -32.16 4.51
C PHE A 514 10.75 -31.57 3.11
N MET A 515 10.47 -30.27 2.99
CA MET A 515 10.35 -29.64 1.64
C MET A 515 11.64 -28.88 1.29
N ILE A 516 12.46 -28.54 2.28
CA ILE A 516 13.69 -27.72 2.02
C ILE A 516 14.93 -28.57 2.30
N GLY A 517 14.81 -29.57 3.18
CA GLY A 517 15.94 -30.47 3.46
C GLY A 517 16.59 -30.16 4.80
N HIS A 518 16.52 -28.91 5.24
CA HIS A 518 17.15 -28.51 6.53
C HIS A 518 16.12 -27.79 7.40
N LYS A 519 16.35 -27.79 8.72
CA LYS A 519 15.43 -27.08 9.64
C LYS A 519 15.81 -25.60 9.67
N PRO A 520 14.84 -24.66 9.78
CA PRO A 520 15.14 -23.22 9.75
C PRO A 520 16.23 -22.84 10.75
N ASN A 521 17.09 -21.88 10.39
CA ASN A 521 18.20 -21.42 11.27
C ASN A 521 17.67 -20.83 12.58
N ILE A 522 18.55 -20.55 13.54
CA ILE A 522 18.15 -19.95 14.84
C ILE A 522 17.42 -18.63 14.57
N PHE A 523 17.93 -17.82 13.65
CA PHE A 523 17.27 -16.53 13.30
C PHE A 523 15.76 -16.75 13.18
N TRP A 524 15.35 -17.62 12.24
CA TRP A 524 13.91 -17.90 12.04
C TRP A 524 13.25 -18.27 13.37
N GLN A 525 13.88 -19.18 14.13
CA GLN A 525 13.30 -19.63 15.42
C GLN A 525 13.06 -18.42 16.34
N VAL A 526 14.11 -17.66 16.66
CA VAL A 526 13.99 -16.52 17.62
C VAL A 526 12.94 -15.53 17.11
N THR A 527 12.94 -15.25 15.81
CA THR A 527 12.00 -14.24 15.24
C THR A 527 10.56 -14.79 15.35
N TRP A 528 10.33 -16.02 14.91
CA TRP A 528 8.97 -16.62 14.92
C TRP A 528 8.48 -16.83 16.36
N ARG A 529 9.40 -17.16 17.29
CA ARG A 529 8.98 -17.52 18.67
C ARG A 529 8.94 -16.31 19.59
N VAL A 530 9.91 -15.40 19.52
CA VAL A 530 9.97 -14.27 20.50
C VAL A 530 9.96 -12.92 19.80
N VAL A 531 11.07 -12.53 19.18
CA VAL A 531 11.22 -11.15 18.58
C VAL A 531 10.04 -10.61 17.75
N SER A 532 9.61 -11.33 16.72
CA SER A 532 8.47 -10.89 15.87
C SER A 532 7.22 -10.72 16.74
N PRO A 533 6.72 -11.77 17.45
CA PRO A 533 5.51 -11.65 18.26
C PRO A 533 5.63 -10.47 19.25
N LEU A 534 6.75 -10.39 19.97
CA LEU A 534 6.97 -9.30 20.95
C LEU A 534 6.84 -7.94 20.27
N LEU A 535 7.51 -7.75 19.13
CA LEU A 535 7.46 -6.45 18.41
C LEU A 535 6.00 -6.08 18.12
N LEU A 536 5.23 -7.00 17.55
CA LEU A 536 3.82 -6.69 17.17
C LEU A 536 2.98 -6.46 18.44
N LEU A 537 3.47 -6.90 19.59
CA LEU A 537 2.75 -6.66 20.87
C LEU A 537 3.01 -5.23 21.33
N ILE A 538 4.29 -4.82 21.36
CA ILE A 538 4.65 -3.43 21.80
C ILE A 538 4.05 -2.43 20.81
N ILE A 539 4.24 -2.64 19.51
CA ILE A 539 3.66 -1.74 18.47
C ILE A 539 2.15 -1.64 18.71
N PHE A 540 1.48 -2.77 18.97
CA PHE A 540 0.03 -2.78 19.24
C PHE A 540 -0.27 -1.86 20.44
N LEU A 541 0.46 -2.04 21.54
CA LEU A 541 0.29 -1.17 22.73
C LEU A 541 0.46 0.29 22.31
N PHE A 542 1.50 0.59 21.52
CA PHE A 542 1.74 1.96 21.01
C PHE A 542 0.45 2.53 20.41
N PHE A 543 -0.19 1.75 19.55
CA PHE A 543 -1.46 2.17 18.90
C PHE A 543 -2.42 2.72 19.95
N PHE A 544 -2.48 2.10 21.13
CA PHE A 544 -3.46 2.52 22.17
C PHE A 544 -2.90 3.68 22.99
N VAL A 545 -1.58 3.89 22.98
CA VAL A 545 -0.98 5.06 23.69
C VAL A 545 -0.99 6.25 22.73
N VAL A 546 -1.34 6.03 21.47
CA VAL A 546 -1.41 7.12 20.46
C VAL A 546 -2.87 7.54 20.29
N GLU A 547 -3.78 6.57 20.24
CA GLU A 547 -5.22 6.85 20.02
C GLU A 547 -5.81 7.57 21.24
N VAL A 548 -5.17 7.48 22.41
CA VAL A 548 -5.70 8.10 23.65
C VAL A 548 -4.82 9.28 24.05
N SER A 549 -3.60 9.37 23.51
CA SER A 549 -2.66 10.44 23.93
C SER A 549 -2.38 11.39 22.76
N GLN A 550 -3.19 11.35 21.71
CA GLN A 550 -3.00 12.25 20.55
C GLN A 550 -4.35 12.53 19.90
N GLU A 551 -4.88 13.75 20.07
CA GLU A 551 -6.17 14.14 19.44
C GLU A 551 -6.06 14.02 17.91
N LEU A 552 -7.06 13.41 17.27
CA LEU A 552 -7.03 13.22 15.80
C LEU A 552 -6.88 14.58 15.10
N THR A 553 -5.97 14.67 14.14
CA THR A 553 -5.76 15.92 13.36
C THR A 553 -5.41 15.57 11.92
N TYR A 554 -5.87 16.37 10.95
CA TYR A 554 -5.53 16.14 9.52
C TYR A 554 -5.21 17.47 8.86
N SER A 555 -4.26 17.47 7.93
CA SER A 555 -3.89 18.72 7.19
C SER A 555 -4.98 19.05 6.18
N ILE A 556 -5.23 20.33 5.96
CA ILE A 556 -6.26 20.78 4.97
C ILE A 556 -5.60 21.73 3.97
N TRP A 557 -6.11 21.76 2.73
CA TRP A 557 -5.57 22.67 1.69
C TRP A 557 -6.48 23.90 1.58
N ASP A 558 -6.24 24.91 2.42
CA ASP A 558 -7.05 26.15 2.38
C ASP A 558 -6.24 27.27 1.70
N PRO A 559 -6.52 27.63 0.43
CA PRO A 559 -5.82 28.74 -0.21
C PRO A 559 -5.95 30.01 0.64
N GLY A 560 -7.17 30.32 1.10
CA GLY A 560 -7.36 31.50 1.96
C GLY A 560 -6.99 31.21 3.39
N TYR A 561 -5.69 31.28 3.72
CA TYR A 561 -5.21 30.95 5.08
C TYR A 561 -3.78 31.47 5.24
N GLU A 562 -3.48 32.08 6.39
CA GLU A 562 -2.11 32.61 6.64
C GLU A 562 -1.08 31.53 6.25
N GLU A 563 0.01 31.93 5.60
CA GLU A 563 1.00 30.94 5.10
C GLU A 563 0.22 29.87 4.33
N PHE A 564 -0.50 30.30 3.43
CA PHE A 564 -1.33 29.33 2.66
C PHE A 564 -0.52 28.07 2.36
N PRO A 565 0.58 28.14 1.60
CA PRO A 565 1.34 26.94 1.21
C PRO A 565 1.66 26.04 2.42
N LYS A 566 1.74 26.62 3.63
CA LYS A 566 2.06 25.84 4.85
C LYS A 566 0.91 24.90 5.20
N SER A 567 1.13 23.94 6.10
CA SER A 567 0.10 22.94 6.49
C SER A 567 -0.83 23.51 7.57
N GLN A 568 -2.12 23.19 7.48
CA GLN A 568 -3.10 23.59 8.52
C GLN A 568 -3.74 22.35 9.12
N LYS A 569 -3.15 21.78 10.16
CA LYS A 569 -3.67 20.52 10.77
C LYS A 569 -4.90 20.85 11.61
N ILE A 570 -6.09 20.59 11.08
CA ILE A 570 -7.37 20.83 11.84
C ILE A 570 -7.77 19.51 12.49
N SER A 571 -8.80 19.53 13.33
CA SER A 571 -9.22 18.30 14.06
C SER A 571 -10.35 17.60 13.29
N TYR A 572 -10.36 16.26 13.31
CA TYR A 572 -11.41 15.48 12.62
C TYR A 572 -12.72 15.56 13.41
N PRO A 573 -13.89 15.64 12.75
CA PRO A 573 -15.18 15.65 13.46
C PRO A 573 -15.33 14.41 14.37
N ASN A 574 -16.26 14.46 15.33
CA ASN A 574 -16.48 13.33 16.27
C ASN A 574 -16.95 12.09 15.50
N TRP A 575 -17.75 12.29 14.45
CA TRP A 575 -18.30 11.14 13.68
C TRP A 575 -17.18 10.39 12.96
N VAL A 576 -15.95 10.91 13.01
CA VAL A 576 -14.79 10.26 12.32
C VAL A 576 -14.45 8.97 13.04
N TYR A 577 -14.81 8.86 14.32
CA TYR A 577 -14.49 7.64 15.12
C TYR A 577 -15.36 6.46 14.69
N VAL A 578 -16.61 6.72 14.31
CA VAL A 578 -17.49 5.62 13.79
C VAL A 578 -16.82 5.06 12.53
N VAL A 579 -16.18 5.92 11.74
CA VAL A 579 -15.47 5.48 10.51
C VAL A 579 -14.31 4.56 10.93
N VAL A 580 -13.48 5.03 11.87
CA VAL A 580 -12.32 4.21 12.34
C VAL A 580 -12.84 2.88 12.88
N VAL A 581 -13.86 2.91 13.73
CA VAL A 581 -14.41 1.66 14.35
C VAL A 581 -14.80 0.68 13.24
N ILE A 582 -15.31 1.19 12.12
CA ILE A 582 -15.77 0.32 11.00
C ILE A 582 -14.55 -0.21 10.24
N VAL A 583 -13.71 0.67 9.71
CA VAL A 583 -12.55 0.24 8.85
C VAL A 583 -11.53 -0.56 9.68
N ALA A 584 -11.06 -0.03 10.81
CA ALA A 584 -9.98 -0.67 11.58
C ALA A 584 -10.55 -1.62 12.65
N GLY A 585 -11.85 -1.52 12.96
CA GLY A 585 -12.41 -2.32 14.07
C GLY A 585 -12.97 -3.66 13.60
N VAL A 586 -13.90 -3.65 12.65
CA VAL A 586 -14.56 -4.92 12.19
C VAL A 586 -13.49 -5.96 11.85
N PRO A 587 -12.57 -5.70 10.90
CA PRO A 587 -11.59 -6.72 10.49
C PRO A 587 -10.77 -7.21 11.69
N SER A 588 -10.45 -6.32 12.61
CA SER A 588 -9.63 -6.68 13.80
C SER A 588 -10.44 -7.58 14.73
N LEU A 589 -11.75 -7.37 14.83
CA LEU A 589 -12.61 -8.13 15.77
C LEU A 589 -13.17 -9.37 15.09
N THR A 590 -13.10 -9.43 13.76
CA THR A 590 -13.61 -10.60 12.99
C THR A 590 -12.97 -11.88 13.52
N ILE A 591 -11.65 -11.88 13.69
CA ILE A 591 -10.93 -13.09 14.20
C ILE A 591 -11.51 -13.47 15.56
N PRO A 592 -11.40 -12.64 16.63
CA PRO A 592 -11.88 -13.02 17.95
C PRO A 592 -13.38 -13.37 17.92
N GLY A 593 -14.20 -12.53 17.31
CA GLY A 593 -15.64 -12.84 17.18
C GLY A 593 -15.86 -14.26 16.68
N TYR A 594 -15.39 -14.58 15.48
CA TYR A 594 -15.63 -15.93 14.91
C TYR A 594 -15.21 -16.99 15.93
N ALA A 595 -14.00 -16.88 16.47
CA ALA A 595 -13.51 -17.85 17.48
C ALA A 595 -14.64 -18.13 18.49
N ILE A 596 -15.10 -17.09 19.19
CA ILE A 596 -16.20 -17.25 20.19
C ILE A 596 -17.36 -18.00 19.54
N TYR A 597 -17.92 -17.46 18.47
CA TYR A 597 -19.03 -18.15 17.74
C TYR A 597 -18.75 -19.65 17.72
N LYS A 598 -17.67 -20.06 17.06
CA LYS A 598 -17.31 -21.51 16.96
C LYS A 598 -17.33 -22.11 18.37
N LEU A 599 -16.45 -21.64 19.26
CA LEU A 599 -16.36 -22.19 20.64
C LEU A 599 -17.77 -22.42 21.21
N ILE A 600 -18.55 -21.35 21.38
CA ILE A 600 -19.92 -21.46 21.97
C ILE A 600 -20.70 -22.54 21.22
N ARG A 601 -20.75 -22.44 19.88
CA ARG A 601 -21.46 -23.44 19.04
C ARG A 601 -20.93 -24.84 19.37
N ASN A 602 -19.61 -24.97 19.57
CA ASN A 602 -18.99 -26.27 19.92
C ASN A 602 -19.62 -26.82 21.21
N HIS A 603 -20.34 -25.98 21.95
CA HIS A 603 -21.06 -26.45 23.16
C HIS A 603 -22.43 -25.80 23.24
C1 NAG B . 12.01 16.73 15.30
C2 NAG B . 11.49 18.08 14.83
C3 NAG B . 10.60 18.70 15.91
C4 NAG B . 9.52 17.73 16.35
C5 NAG B . 10.11 16.38 16.72
C6 NAG B . 9.08 15.32 16.98
C7 NAG B . 13.83 18.83 14.90
C8 NAG B . 14.17 19.45 16.23
N2 NAG B . 12.58 18.99 14.49
O3 NAG B . 10.04 19.91 15.43
O4 NAG B . 8.86 18.26 17.50
O5 NAG B . 10.91 15.90 15.62
O6 NAG B . 7.94 15.48 16.14
O7 NAG B . 14.65 18.18 14.27
C1 NAG B . 7.49 18.60 17.21
C2 NAG B . 6.62 18.23 18.40
C3 NAG B . 5.16 18.63 18.13
C4 NAG B . 5.08 20.09 17.70
C5 NAG B . 6.01 20.32 16.50
C6 NAG B . 6.04 21.76 16.04
C7 NAG B . 7.52 16.33 19.63
C8 NAG B . 7.20 14.96 20.14
N2 NAG B . 6.69 16.82 18.72
O3 NAG B . 4.39 18.42 19.29
O4 NAG B . 3.75 20.40 17.32
O5 NAG B . 7.36 19.96 16.86
O6 NAG B . 6.31 22.64 17.13
O7 NAG B . 8.49 16.96 20.02
#